data_9IZB
#
_entry.id   9IZB
#
_cell.length_a   112.162
_cell.length_b   53.710
_cell.length_c   44.258
_cell.angle_alpha   90.00
_cell.angle_beta   101.26
_cell.angle_gamma   90.00
#
_symmetry.space_group_name_H-M   'C 1 2 1'
#
loop_
_entity.id
_entity.type
_entity.pdbx_description
1 polymer '3C-like proteinase nsp5'
2 polymer TMP1
3 water water
#
loop_
_entity_poly.entity_id
_entity_poly.type
_entity_poly.pdbx_seq_one_letter_code
_entity_poly.pdbx_strand_id
1 'polypeptide(L)'
;SGFRKMAFPSGKVEGCMVQVTCGTTTLNGLWLDDVVYCPRHVICTSEDMLNPNYEDLLIRKSNHNFLVQAGNVQLRVIGH
SMQNCVLKLKVDTANPKTPKYKFVRIQPGQTFSVLACYNGSPSGVYQCAMRPNFTIKGSFLNGSCGSVGFNIDYDCVSFC
YMHHMELPTGVHAGTDLEGNFYGPFVDRQTAQAAGTDTTITVNVLAWLYAAVINGDRWFLNRFTTTLNDFNLVAMKYNYE
PLTQDHVDILGPLSAQTGIAVLDMCASLKELLQNGMNGRTILGSALLEDEFTPFDVVRQCSGVTFQ
;
A
2 'polypeptide(L)' (YXY)(CHG)(FP9)(005)(A1L3F) B
#
loop_
_chem_comp.id
_chem_comp.type
_chem_comp.name
_chem_comp.formula
005 peptide-like '(2S,3S)-3-amino-2-hydroxy-4-phenylbutanoic acid' 'C10 H13 N O3'
A1L3F non-polymer (5-chloranylpyridin-2-yl)methanamine 'C6 H7 Cl N2'
YXY non-polymer 4,4-difluorocyclohexane-1-carboxamide 'C7 H11 F2 N O'
#
# COMPACT_ATOMS: atom_id res chain seq x y z
N SER A 1 22.50 -9.83 -9.78
CA SER A 1 21.37 -9.54 -10.67
C SER A 1 20.04 -9.97 -10.07
N GLY A 2 19.07 -10.22 -10.93
CA GLY A 2 17.74 -10.62 -10.53
C GLY A 2 16.86 -9.41 -10.23
N PHE A 3 15.54 -9.66 -10.22
CA PHE A 3 14.61 -8.56 -9.95
C PHE A 3 13.31 -9.15 -9.40
N ARG A 4 13.21 -9.14 -8.08
CA ARG A 4 12.01 -9.71 -7.43
C ARG A 4 11.30 -8.59 -6.67
N LYS A 5 10.01 -8.77 -6.41
CA LYS A 5 9.33 -7.82 -5.53
C LYS A 5 9.96 -7.92 -4.15
N MET A 6 10.67 -6.87 -3.75
CA MET A 6 11.21 -6.76 -2.41
C MET A 6 10.29 -5.96 -1.52
N ALA A 7 10.28 -6.33 -0.25
CA ALA A 7 9.72 -5.49 0.80
C ALA A 7 10.86 -4.94 1.63
N PHE A 8 10.59 -3.87 2.36
CA PHE A 8 11.59 -3.39 3.29
C PHE A 8 11.77 -4.43 4.39
N PRO A 9 12.94 -4.43 5.05
CA PRO A 9 13.07 -5.16 6.32
C PRO A 9 12.01 -4.70 7.32
N SER A 10 11.30 -5.66 7.94
CA SER A 10 10.09 -5.35 8.71
C SER A 10 10.33 -5.19 10.20
N GLY A 11 11.56 -5.43 10.69
CA GLY A 11 11.78 -5.48 12.12
C GLY A 11 11.32 -4.24 12.84
N LYS A 12 11.57 -3.07 12.25
CA LYS A 12 11.22 -1.83 12.92
C LYS A 12 9.73 -1.76 13.17
N VAL A 13 8.93 -2.22 12.20
CA VAL A 13 7.47 -2.19 12.33
C VAL A 13 6.94 -3.36 13.17
N GLU A 14 7.64 -4.49 13.21
CA GLU A 14 7.18 -5.60 14.05
C GLU A 14 7.05 -5.17 15.52
N GLY A 15 8.10 -4.57 16.07
CA GLY A 15 8.08 -4.12 17.43
C GLY A 15 7.08 -3.01 17.70
N CYS A 16 6.17 -2.75 16.77
CA CYS A 16 5.07 -1.81 17.01
C CYS A 16 3.69 -2.44 16.90
N MET A 17 3.59 -3.73 16.58
CA MET A 17 2.27 -4.34 16.40
C MET A 17 1.75 -4.91 17.70
N VAL A 18 0.52 -4.52 18.04
CA VAL A 18 -0.13 -4.92 19.29
C VAL A 18 -1.49 -5.52 18.96
N GLN A 19 -2.05 -6.14 19.98
CA GLN A 19 -3.40 -6.70 19.94
C GLN A 19 -4.33 -5.78 20.71
N VAL A 20 -5.44 -5.41 20.09
CA VAL A 20 -6.41 -4.51 20.70
C VAL A 20 -7.78 -5.16 20.70
N THR A 21 -8.49 -5.01 21.81
CA THR A 21 -9.80 -5.63 21.95
C THR A 21 -10.78 -4.65 22.58
N CYS A 22 -11.96 -4.50 21.99
CA CYS A 22 -13.03 -3.72 22.56
C CYS A 22 -14.29 -4.57 22.49
N GLY A 23 -14.82 -4.93 23.66
CA GLY A 23 -15.79 -6.01 23.68
C GLY A 23 -15.13 -7.29 23.21
N THR A 24 -15.68 -7.92 22.17
CA THR A 24 -15.18 -9.18 21.64
C THR A 24 -14.53 -9.01 20.29
N THR A 25 -14.36 -7.78 19.82
CA THR A 25 -13.67 -7.52 18.58
C THR A 25 -12.18 -7.43 18.89
N THR A 26 -11.39 -8.30 18.26
CA THR A 26 -9.93 -8.24 18.33
C THR A 26 -9.39 -7.90 16.95
N LEU A 27 -8.63 -6.81 16.88
CA LEU A 27 -7.90 -6.41 15.69
C LEU A 27 -6.54 -5.85 16.11
N ASN A 28 -5.69 -5.65 15.10
CA ASN A 28 -4.32 -5.21 15.32
C ASN A 28 -4.24 -3.69 15.53
N GLY A 29 -3.30 -3.27 16.38
CA GLY A 29 -2.99 -1.85 16.51
C GLY A 29 -1.53 -1.54 16.29
N LEU A 30 -1.24 -0.24 16.07
CA LEU A 30 0.11 0.30 15.85
C LEU A 30 0.53 1.18 17.02
N TRP A 31 1.43 0.67 17.87
CA TRP A 31 1.88 1.35 19.08
C TRP A 31 3.15 2.16 18.79
N LEU A 32 3.05 3.48 18.94
CA LEU A 32 4.16 4.41 18.65
C LEU A 32 4.16 5.50 19.70
N ASP A 33 5.23 5.57 20.49
CA ASP A 33 5.32 6.43 21.68
C ASP A 33 4.26 5.90 22.65
N ASP A 34 3.45 6.76 23.28
CA ASP A 34 2.39 6.31 24.19
C ASP A 34 1.00 6.32 23.55
N VAL A 35 0.91 6.03 22.26
CA VAL A 35 -0.36 6.03 21.55
C VAL A 35 -0.45 4.73 20.78
N VAL A 36 -1.65 4.14 20.76
CA VAL A 36 -1.87 2.86 20.10
C VAL A 36 -2.96 3.09 19.07
N TYR A 37 -2.59 2.98 17.80
CA TYR A 37 -3.44 3.33 16.66
C TYR A 37 -4.12 2.07 16.14
N CYS A 38 -5.41 2.16 15.86
CA CYS A 38 -6.18 1.01 15.34
C CYS A 38 -7.34 1.53 14.54
N PRO A 39 -7.97 0.67 13.73
CA PRO A 39 -9.20 1.04 13.04
C PRO A 39 -10.34 1.27 14.02
N ARG A 40 -11.25 2.19 13.67
CA ARG A 40 -12.27 2.61 14.63
C ARG A 40 -13.39 1.59 14.81
N HIS A 41 -13.59 0.67 13.83
CA HIS A 41 -14.64 -0.35 13.95
C HIS A 41 -14.31 -1.39 14.99
N VAL A 42 -13.22 -1.15 15.74
CA VAL A 42 -12.94 -2.01 16.90
C VAL A 42 -14.07 -1.93 17.92
N ILE A 43 -14.75 -0.77 17.98
CA ILE A 43 -15.82 -0.58 18.95
C ILE A 43 -17.12 -1.26 18.52
N CYS A 44 -17.24 -1.70 17.27
CA CYS A 44 -18.51 -2.19 16.75
C CYS A 44 -18.75 -3.65 17.05
N THR A 45 -20.00 -3.98 17.37
CA THR A 45 -20.43 -5.36 17.35
C THR A 45 -20.72 -5.76 15.91
N SER A 46 -21.07 -7.04 15.71
CA SER A 46 -21.32 -7.52 14.36
C SER A 46 -22.56 -6.88 13.76
N GLU A 47 -23.60 -6.67 14.56
CA GLU A 47 -24.86 -6.14 14.02
C GLU A 47 -24.74 -4.66 13.69
N ASP A 48 -23.84 -3.94 14.38
CA ASP A 48 -23.68 -2.51 14.14
C ASP A 48 -23.04 -2.21 12.80
N MET A 49 -22.29 -3.15 12.24
CA MET A 49 -21.42 -2.79 11.12
C MET A 49 -22.17 -2.54 9.82
N LEU A 50 -23.50 -2.42 9.81
CA LEU A 50 -24.18 -2.19 8.54
C LEU A 50 -24.06 -0.70 8.22
N ASN A 51 -24.60 0.11 9.13
CA ASN A 51 -24.42 1.58 9.06
C ASN A 51 -24.31 2.03 10.52
N PRO A 52 -23.11 2.17 11.09
CA PRO A 52 -22.97 2.52 12.49
C PRO A 52 -22.68 3.99 12.80
N ASN A 53 -23.35 4.56 13.81
CA ASN A 53 -22.97 5.92 14.25
C ASN A 53 -21.82 5.71 15.22
N TYR A 54 -20.59 5.87 14.73
CA TYR A 54 -19.40 5.54 15.54
C TYR A 54 -19.33 6.46 16.75
N GLU A 55 -19.51 7.76 16.52
CA GLU A 55 -19.39 8.67 17.65
C GLU A 55 -20.38 8.31 18.74
N ASP A 56 -21.58 7.89 18.35
CA ASP A 56 -22.57 7.46 19.34
C ASP A 56 -22.14 6.17 20.01
N LEU A 57 -21.52 5.28 19.24
CA LEU A 57 -20.94 4.06 19.81
C LEU A 57 -19.77 4.35 20.73
N LEU A 58 -19.03 5.43 20.48
CA LEU A 58 -17.87 5.72 21.32
C LEU A 58 -18.29 6.29 22.67
N ILE A 59 -19.41 7.00 22.74
CA ILE A 59 -19.92 7.46 24.03
C ILE A 59 -20.20 6.28 24.95
N ARG A 60 -20.76 5.19 24.40
CA ARG A 60 -21.02 3.99 25.19
C ARG A 60 -19.75 3.51 25.90
N LYS A 61 -18.60 3.60 25.22
CA LYS A 61 -17.32 3.09 25.69
C LYS A 61 -16.50 4.18 26.40
N SER A 62 -15.58 3.74 27.26
CA SER A 62 -14.68 4.62 28.01
C SER A 62 -13.24 4.09 27.95
N ASN A 63 -12.35 4.70 28.73
CA ASN A 63 -10.92 4.37 28.66
C ASN A 63 -10.64 2.90 29.00
N HIS A 64 -11.37 2.34 29.95
CA HIS A 64 -11.10 0.97 30.38
C HIS A 64 -11.66 -0.06 29.40
N ASN A 65 -12.57 0.36 28.52
CA ASN A 65 -13.23 -0.55 27.59
C ASN A 65 -12.28 -1.08 26.51
N PHE A 66 -11.13 -0.44 26.31
CA PHE A 66 -10.19 -0.83 25.28
C PHE A 66 -8.98 -1.50 25.93
N LEU A 67 -8.61 -2.68 25.42
CA LEU A 67 -7.57 -3.52 26.04
C LEU A 67 -6.49 -3.86 25.03
N VAL A 68 -5.37 -3.15 25.14
CA VAL A 68 -4.24 -3.33 24.23
C VAL A 68 -3.33 -4.39 24.82
N GLN A 69 -3.21 -5.52 24.11
CA GLN A 69 -2.53 -6.70 24.66
C GLN A 69 -1.01 -6.57 24.60
N ALA A 70 -0.47 -6.18 23.45
CA ALA A 70 0.98 -6.21 23.20
C ALA A 70 1.44 -7.67 23.39
N GLY A 71 2.68 -7.87 23.84
CA GLY A 71 3.08 -9.22 24.22
C GLY A 71 2.30 -9.73 25.41
N ASN A 72 2.37 -9.00 26.52
CA ASN A 72 1.56 -9.33 27.71
C ASN A 72 0.85 -8.04 28.09
N VAL A 73 -0.36 -8.13 28.64
CA VAL A 73 -1.21 -6.90 28.84
C VAL A 73 -0.74 -5.97 29.96
N GLN A 74 0.01 -4.94 29.61
CA GLN A 74 0.41 -3.91 30.62
C GLN A 74 0.22 -2.51 30.01
N LEU A 75 -0.73 -2.37 29.10
CA LEU A 75 -1.00 -1.03 28.50
C LEU A 75 -2.23 -0.44 29.18
N ARG A 76 -2.05 0.73 29.79
CA ARG A 76 -3.16 1.36 30.54
C ARG A 76 -3.73 2.50 29.70
N VAL A 77 -4.97 2.35 29.25
CA VAL A 77 -5.50 3.38 28.34
C VAL A 77 -5.76 4.64 29.17
N ILE A 78 -4.89 5.64 28.99
CA ILE A 78 -5.00 6.90 29.70
C ILE A 78 -5.93 7.88 28.98
N GLY A 79 -6.20 7.64 27.70
CA GLY A 79 -7.08 8.53 26.95
C GLY A 79 -7.51 7.85 25.67
N HIS A 80 -8.52 8.44 25.04
CA HIS A 80 -9.03 7.93 23.78
C HIS A 80 -9.62 9.08 22.98
N SER A 81 -9.72 8.86 21.68
CA SER A 81 -10.09 9.89 20.71
C SER A 81 -10.35 9.18 19.38
N MET A 82 -11.22 9.76 18.56
CA MET A 82 -11.53 9.22 17.23
C MET A 82 -11.14 10.25 16.16
N GLN A 83 -10.02 10.02 15.49
CA GLN A 83 -9.62 10.84 14.35
C GLN A 83 -10.00 10.09 13.09
N ASN A 84 -11.01 10.60 12.39
CA ASN A 84 -11.27 10.31 10.98
C ASN A 84 -11.13 8.83 10.62
N CYS A 85 -11.79 7.96 11.41
CA CYS A 85 -11.83 6.49 11.21
C CYS A 85 -10.71 5.72 11.92
N VAL A 86 -9.96 6.35 12.80
CA VAL A 86 -9.02 5.61 13.64
C VAL A 86 -9.25 6.00 15.09
N LEU A 87 -8.89 5.08 15.99
CA LEU A 87 -8.83 5.35 17.42
C LEU A 87 -7.38 5.56 17.82
N LYS A 88 -7.17 6.52 18.71
CA LYS A 88 -5.83 6.80 19.25
C LYS A 88 -5.91 6.58 20.75
N LEU A 89 -5.31 5.49 21.22
CA LEU A 89 -5.38 5.08 22.63
C LEU A 89 -4.10 5.48 23.34
N LYS A 90 -4.10 6.70 23.90
CA LYS A 90 -3.06 7.16 24.81
C LYS A 90 -2.90 6.16 25.94
N VAL A 91 -1.66 5.71 26.16
CA VAL A 91 -1.36 4.69 27.14
C VAL A 91 -0.24 5.17 28.06
N ASP A 92 0.04 4.34 29.07
CA ASP A 92 0.99 4.72 30.12
C ASP A 92 2.44 4.58 29.64
N THR A 93 2.81 3.39 29.18
CA THR A 93 4.16 3.13 28.71
C THR A 93 4.36 3.56 27.27
N ALA A 94 5.47 4.26 27.03
CA ALA A 94 5.92 4.59 25.70
C ALA A 94 6.76 3.45 25.14
N ASN A 95 6.51 3.10 23.89
CA ASN A 95 7.07 1.90 23.31
C ASN A 95 8.60 1.98 23.34
N PRO A 96 9.28 1.07 24.03
CA PRO A 96 10.76 1.05 23.97
C PRO A 96 11.28 0.89 22.56
N LYS A 97 10.57 0.17 21.70
CA LYS A 97 11.01 -0.11 20.35
C LYS A 97 10.40 0.85 19.32
N THR A 98 9.92 2.01 19.76
CA THR A 98 9.47 3.01 18.81
C THR A 98 10.62 3.39 17.88
N PRO A 99 10.51 3.12 16.59
CA PRO A 99 11.52 3.59 15.66
C PRO A 99 11.27 5.06 15.37
N LYS A 100 12.26 5.69 14.74
CA LYS A 100 11.96 6.95 14.10
C LYS A 100 10.87 6.69 13.06
N TYR A 101 9.81 7.46 13.10
CA TYR A 101 8.65 7.19 12.26
C TYR A 101 8.01 8.49 11.83
N LYS A 102 7.08 8.37 10.89
CA LYS A 102 6.28 9.48 10.40
C LYS A 102 5.06 8.94 9.64
N PHE A 103 3.98 9.74 9.65
CA PHE A 103 2.75 9.41 8.95
C PHE A 103 2.78 10.14 7.62
N VAL A 104 2.39 9.45 6.55
CA VAL A 104 2.56 9.95 5.19
C VAL A 104 1.36 9.51 4.35
N ARG A 105 0.68 10.47 3.73
CA ARG A 105 -0.33 10.12 2.74
C ARG A 105 0.37 9.99 1.39
N ILE A 106 0.57 8.76 0.93
CA ILE A 106 1.09 8.49 -0.40
C ILE A 106 0.09 8.81 -1.51
N GLN A 107 0.54 8.61 -2.73
CA GLN A 107 -0.07 9.02 -3.97
C GLN A 107 -0.21 7.78 -4.85
N PRO A 108 -1.13 7.76 -5.80
CA PRO A 108 -1.24 6.60 -6.69
C PRO A 108 0.07 6.41 -7.43
N GLY A 109 0.46 5.15 -7.60
CA GLY A 109 1.73 4.81 -8.23
C GLY A 109 2.80 4.50 -7.21
N GLN A 110 2.85 5.27 -6.12
CA GLN A 110 3.81 5.02 -5.06
C GLN A 110 3.55 3.68 -4.36
N THR A 111 4.62 3.09 -3.85
CA THR A 111 4.65 1.70 -3.45
C THR A 111 4.95 1.65 -1.95
N PHE A 112 4.56 0.55 -1.30
CA PHE A 112 4.89 0.41 0.11
C PHE A 112 4.90 -1.06 0.50
N SER A 113 5.53 -1.36 1.63
CA SER A 113 5.52 -2.71 2.20
C SER A 113 4.38 -2.87 3.20
N VAL A 114 3.79 -4.05 3.21
CA VAL A 114 2.70 -4.38 4.12
C VAL A 114 3.15 -5.52 5.02
N LEU A 115 2.97 -5.32 6.34
CA LEU A 115 3.20 -6.37 7.33
C LEU A 115 1.84 -6.91 7.75
N ALA A 116 1.49 -8.11 7.28
CA ALA A 116 0.19 -8.68 7.61
C ALA A 116 0.20 -9.23 9.03
N CYS A 117 -0.85 -8.91 9.80
CA CYS A 117 -0.86 -9.15 11.23
C CYS A 117 -2.21 -9.69 11.68
N TYR A 118 -2.19 -10.83 12.36
CA TYR A 118 -3.38 -11.45 12.93
C TYR A 118 -3.15 -11.65 14.41
N ASN A 119 -4.02 -11.05 15.24
CA ASN A 119 -3.93 -11.13 16.71
C ASN A 119 -2.64 -10.48 17.22
N GLY A 120 -2.26 -9.36 16.60
CA GLY A 120 -1.11 -8.59 17.01
C GLY A 120 0.24 -9.17 16.62
N SER A 121 0.30 -10.32 15.96
CA SER A 121 1.55 -10.91 15.61
C SER A 121 1.79 -10.79 14.12
N PRO A 122 2.99 -10.38 13.70
CA PRO A 122 3.28 -10.31 12.25
C PRO A 122 3.35 -11.71 11.66
N SER A 123 2.72 -11.87 10.50
CA SER A 123 2.70 -13.13 9.78
C SER A 123 3.56 -13.16 8.53
N GLY A 124 3.63 -12.05 7.79
CA GLY A 124 4.40 -12.01 6.57
C GLY A 124 4.48 -10.59 6.06
N VAL A 125 5.36 -10.40 5.08
CA VAL A 125 5.64 -9.08 4.54
C VAL A 125 5.74 -9.17 3.02
N TYR A 126 5.10 -8.24 2.34
CA TYR A 126 5.06 -8.21 0.88
C TYR A 126 4.96 -6.76 0.43
N GLN A 127 5.27 -6.52 -0.84
CA GLN A 127 5.23 -5.16 -1.39
C GLN A 127 3.95 -4.95 -2.18
N CYS A 128 3.33 -3.79 -1.99
CA CYS A 128 2.07 -3.40 -2.60
C CYS A 128 2.21 -2.02 -3.22
N ALA A 129 1.35 -1.72 -4.20
CA ALA A 129 1.25 -0.36 -4.71
C ALA A 129 -0.16 0.18 -4.47
N MET A 130 -0.25 1.49 -4.29
CA MET A 130 -1.54 2.17 -4.17
C MET A 130 -2.08 2.41 -5.57
N ARG A 131 -3.15 1.71 -5.91
CA ARG A 131 -3.75 1.76 -7.23
C ARG A 131 -4.50 3.07 -7.43
N PRO A 132 -4.92 3.36 -8.68
CA PRO A 132 -5.55 4.66 -8.95
C PRO A 132 -7.02 4.68 -8.58
N ASN A 133 -7.67 3.53 -8.55
CA ASN A 133 -8.93 3.42 -7.85
C ASN A 133 -8.76 3.50 -6.33
N PHE A 134 -7.52 3.70 -5.85
CA PHE A 134 -7.18 3.84 -4.44
C PHE A 134 -7.47 2.57 -3.64
N THR A 135 -7.43 1.42 -4.30
CA THR A 135 -7.42 0.13 -3.62
C THR A 135 -6.01 -0.42 -3.70
N ILE A 136 -5.76 -1.49 -2.95
CA ILE A 136 -4.52 -2.23 -3.13
C ILE A 136 -4.87 -3.70 -3.32
N LYS A 137 -4.08 -4.39 -4.12
CA LYS A 137 -4.22 -5.84 -4.28
C LYS A 137 -3.29 -6.47 -3.26
N GLY A 138 -3.83 -6.80 -2.10
CA GLY A 138 -2.98 -7.36 -1.08
C GLY A 138 -3.33 -8.81 -0.82
N SER A 139 -2.86 -9.30 0.32
CA SER A 139 -3.22 -10.61 0.82
C SER A 139 -3.59 -10.42 2.29
N PHE A 140 -4.90 -10.37 2.56
CA PHE A 140 -5.42 -10.11 3.89
C PHE A 140 -6.53 -11.10 4.20
N LEU A 141 -6.47 -11.70 5.38
CA LEU A 141 -7.56 -12.52 5.84
C LEU A 141 -8.37 -11.75 6.87
N ASN A 142 -9.22 -12.48 7.55
CA ASN A 142 -10.10 -11.98 8.60
C ASN A 142 -9.27 -11.64 9.83
N GLY A 143 -9.46 -10.42 10.36
CA GLY A 143 -8.55 -9.91 11.37
C GLY A 143 -7.22 -9.38 10.87
N SER A 144 -7.06 -9.19 9.57
CA SER A 144 -5.94 -8.41 9.08
C SER A 144 -6.12 -6.92 9.31
N CYS A 145 -7.31 -6.49 9.71
CA CYS A 145 -7.53 -5.10 10.02
C CYS A 145 -6.61 -4.61 11.14
N GLY A 146 -6.14 -3.38 10.99
CA GLY A 146 -5.09 -2.86 11.82
C GLY A 146 -3.67 -3.08 11.32
N SER A 147 -3.49 -3.96 10.32
CA SER A 147 -2.17 -4.13 9.72
C SER A 147 -1.80 -2.88 8.95
N VAL A 148 -0.49 -2.61 8.87
CA VAL A 148 -0.04 -1.33 8.37
C VAL A 148 0.90 -1.48 7.17
N GLY A 149 1.02 -0.37 6.44
CA GLY A 149 1.90 -0.29 5.29
C GLY A 149 2.89 0.84 5.50
N PHE A 150 4.10 0.65 5.00
CA PHE A 150 5.18 1.55 5.35
C PHE A 150 6.23 1.61 4.25
N ASN A 151 6.92 2.73 4.21
CA ASN A 151 8.24 2.80 3.60
C ASN A 151 9.27 3.00 4.71
N ILE A 152 10.30 2.16 4.73
CA ILE A 152 11.48 2.46 5.54
C ILE A 152 12.57 2.97 4.61
N ASP A 153 12.54 4.26 4.35
CA ASP A 153 13.58 4.91 3.57
C ASP A 153 14.37 5.81 4.51
N TYR A 154 15.68 5.86 4.34
CA TYR A 154 16.50 6.79 5.08
C TYR A 154 16.26 6.65 6.59
N ASP A 155 16.32 5.40 7.07
CA ASP A 155 16.35 5.08 8.50
C ASP A 155 15.01 5.28 9.21
N CYS A 156 14.08 5.94 8.54
CA CYS A 156 12.84 6.39 9.14
C CYS A 156 11.67 5.64 8.51
N VAL A 157 10.80 5.06 9.37
CA VAL A 157 9.60 4.35 8.92
C VAL A 157 8.50 5.36 8.60
N SER A 158 8.11 5.42 7.31
CA SER A 158 7.00 6.26 6.85
C SER A 158 5.74 5.42 6.77
N PHE A 159 4.89 5.54 7.76
CA PHE A 159 3.63 4.83 7.72
C PHE A 159 2.70 5.51 6.74
N CYS A 160 2.11 4.72 5.84
CA CYS A 160 1.14 5.25 4.89
C CYS A 160 -0.21 4.51 4.86
N TYR A 161 -0.27 3.25 5.28
CA TYR A 161 -1.48 2.46 5.11
C TYR A 161 -1.85 1.76 6.40
N MET A 162 -3.10 1.90 6.83
CA MET A 162 -3.72 0.93 7.73
C MET A 162 -4.81 0.17 7.00
N HIS A 163 -4.82 -1.14 7.18
CA HIS A 163 -5.82 -1.93 6.51
C HIS A 163 -7.12 -1.95 7.30
N HIS A 164 -8.23 -1.83 6.58
CA HIS A 164 -9.56 -1.88 7.19
C HIS A 164 -10.43 -3.01 6.66
N MET A 165 -10.62 -3.09 5.33
CA MET A 165 -11.74 -3.81 4.77
C MET A 165 -11.38 -4.42 3.43
N GLU A 166 -11.86 -5.64 3.19
CA GLU A 166 -11.83 -6.16 1.85
C GLU A 166 -13.14 -5.77 1.16
N LEU A 167 -13.09 -5.63 -0.15
CA LEU A 167 -14.29 -5.19 -0.88
C LEU A 167 -14.87 -6.42 -1.57
N PRO A 168 -16.13 -6.39 -2.07
CA PRO A 168 -16.66 -7.51 -2.84
C PRO A 168 -15.78 -7.93 -4.03
N THR A 169 -15.02 -6.99 -4.60
CA THR A 169 -14.09 -7.29 -5.71
C THR A 169 -13.03 -8.27 -5.23
N GLY A 170 -12.62 -8.15 -3.99
CA GLY A 170 -11.54 -8.99 -3.49
C GLY A 170 -10.33 -8.14 -3.31
N VAL A 171 -10.54 -6.84 -3.45
CA VAL A 171 -9.40 -5.91 -3.31
C VAL A 171 -9.47 -5.26 -1.94
N HIS A 172 -8.39 -4.64 -1.53
CA HIS A 172 -8.30 -4.13 -0.15
C HIS A 172 -8.33 -2.61 -0.05
N ALA A 173 -9.11 -2.11 0.89
CA ALA A 173 -9.22 -0.67 1.12
C ALA A 173 -8.84 -0.30 2.54
N GLY A 174 -8.27 0.88 2.67
CA GLY A 174 -7.85 1.34 3.97
C GLY A 174 -7.57 2.81 3.99
N THR A 175 -6.75 3.21 4.96
CA THR A 175 -6.59 4.59 5.37
C THR A 175 -5.12 4.93 5.56
N ASP A 176 -4.82 6.23 5.54
CA ASP A 176 -3.55 6.67 6.09
C ASP A 176 -3.62 6.50 7.60
N LEU A 177 -2.59 6.96 8.32
CA LEU A 177 -2.56 6.89 9.78
C LEU A 177 -3.16 8.11 10.45
N GLU A 178 -3.62 9.09 9.71
CA GLU A 178 -4.50 10.12 10.26
C GLU A 178 -5.97 9.75 10.06
N GLY A 179 -6.23 8.55 9.58
CA GLY A 179 -7.57 8.05 9.50
C GLY A 179 -8.21 8.07 8.14
N ASN A 180 -8.01 9.11 7.36
CA ASN A 180 -8.83 9.27 6.16
C ASN A 180 -8.55 8.17 5.16
N PHE A 181 -9.63 7.59 4.64
CA PHE A 181 -9.52 6.53 3.65
C PHE A 181 -8.86 7.03 2.40
N TYR A 182 -7.99 6.20 1.84
CA TYR A 182 -7.64 6.34 0.44
C TYR A 182 -8.87 6.05 -0.41
N GLY A 183 -9.16 6.94 -1.35
CA GLY A 183 -10.30 6.76 -2.22
C GLY A 183 -11.60 7.14 -1.55
N PRO A 184 -12.71 6.87 -2.24
CA PRO A 184 -14.02 7.36 -1.80
C PRO A 184 -14.64 6.52 -0.69
N PHE A 185 -13.90 5.55 -0.16
CA PHE A 185 -14.47 4.45 0.59
C PHE A 185 -14.83 4.85 2.01
N VAL A 186 -15.62 3.98 2.66
CA VAL A 186 -16.17 4.18 3.99
C VAL A 186 -16.15 2.84 4.73
N ASP A 187 -16.14 2.91 6.06
CA ASP A 187 -15.96 1.71 6.88
C ASP A 187 -17.33 1.19 7.32
N ARG A 188 -18.10 0.78 6.31
CA ARG A 188 -19.38 0.11 6.53
C ARG A 188 -19.43 -1.13 5.64
N GLN A 189 -20.24 -2.11 6.05
CA GLN A 189 -20.55 -3.24 5.17
C GLN A 189 -21.71 -2.82 4.26
N THR A 190 -21.35 -1.99 3.29
CA THR A 190 -22.21 -1.61 2.19
C THR A 190 -21.45 -1.94 0.92
N ALA A 191 -22.18 -2.12 -0.18
CA ALA A 191 -21.52 -2.44 -1.44
C ALA A 191 -20.77 -1.19 -1.92
N GLN A 192 -19.48 -1.33 -2.18
CA GLN A 192 -18.64 -0.18 -2.53
C GLN A 192 -17.78 -0.51 -3.74
N ALA A 193 -17.84 0.35 -4.75
CA ALA A 193 -17.24 0.04 -6.03
C ALA A 193 -15.91 0.78 -6.18
N ALA A 194 -14.85 0.01 -6.40
CA ALA A 194 -13.65 0.55 -7.02
C ALA A 194 -13.94 0.85 -8.49
N GLY A 195 -13.21 1.81 -9.03
CA GLY A 195 -13.31 2.16 -10.43
C GLY A 195 -12.41 1.34 -11.33
N THR A 196 -12.17 1.86 -12.53
CA THR A 196 -11.26 1.19 -13.43
C THR A 196 -9.84 1.22 -12.87
N ASP A 197 -9.12 0.11 -13.04
CA ASP A 197 -7.78 -0.03 -12.48
C ASP A 197 -6.76 0.34 -13.57
N THR A 198 -6.60 1.64 -13.80
CA THR A 198 -5.65 2.07 -14.80
C THR A 198 -4.25 1.59 -14.42
N THR A 199 -3.53 1.07 -15.39
CA THR A 199 -2.20 0.57 -15.14
C THR A 199 -1.20 1.73 -15.07
N ILE A 200 -0.22 1.60 -14.17
CA ILE A 200 0.67 2.72 -13.84
C ILE A 200 1.79 2.75 -14.87
N THR A 201 1.59 3.54 -15.91
CA THR A 201 2.49 3.53 -17.07
C THR A 201 3.94 3.78 -16.66
N VAL A 202 4.18 4.76 -15.79
CA VAL A 202 5.55 5.10 -15.44
C VAL A 202 6.24 3.95 -14.74
N ASN A 203 5.49 3.09 -14.07
CA ASN A 203 6.12 1.94 -13.45
C ASN A 203 6.41 0.83 -14.45
N VAL A 204 5.48 0.57 -15.38
CA VAL A 204 5.74 -0.45 -16.40
C VAL A 204 7.04 -0.13 -17.10
N LEU A 205 7.23 1.16 -17.43
CA LEU A 205 8.45 1.63 -18.07
C LEU A 205 9.68 1.37 -17.22
N ALA A 206 9.61 1.67 -15.91
CA ALA A 206 10.75 1.44 -15.03
C ALA A 206 11.05 -0.05 -14.94
N TRP A 207 9.99 -0.87 -14.85
CA TRP A 207 10.15 -2.32 -14.85
C TRP A 207 10.75 -2.81 -16.16
N LEU A 208 10.46 -2.14 -17.28
CA LEU A 208 11.16 -2.43 -18.53
C LEU A 208 12.62 -2.02 -18.45
N TYR A 209 12.90 -0.77 -18.06
CA TYR A 209 14.31 -0.38 -17.88
C TYR A 209 15.04 -1.38 -16.99
N ALA A 210 14.39 -1.81 -15.91
CA ALA A 210 14.97 -2.85 -15.06
C ALA A 210 15.29 -4.09 -15.87
N ALA A 211 14.44 -4.40 -16.85
CA ALA A 211 14.63 -5.62 -17.66
C ALA A 211 15.88 -5.54 -18.53
N VAL A 212 16.10 -4.40 -19.18
CA VAL A 212 17.32 -4.20 -19.99
C VAL A 212 18.55 -4.40 -19.10
N ILE A 213 18.51 -3.89 -17.88
CA ILE A 213 19.68 -3.98 -16.94
C ILE A 213 19.94 -5.43 -16.59
N ASN A 214 18.89 -6.25 -16.47
CA ASN A 214 19.04 -7.67 -16.03
C ASN A 214 19.29 -8.58 -17.22
N GLY A 215 19.28 -8.04 -18.44
CA GLY A 215 19.62 -8.83 -19.64
C GLY A 215 18.50 -9.14 -20.61
N ASP A 216 17.23 -8.98 -20.23
CA ASP A 216 16.10 -9.19 -21.17
C ASP A 216 15.98 -7.97 -22.08
N ARG A 217 16.06 -8.16 -23.40
CA ARG A 217 16.10 -7.01 -24.32
C ARG A 217 15.30 -7.29 -25.58
N TRP A 218 14.56 -8.37 -25.63
CA TRP A 218 13.84 -8.69 -26.87
C TRP A 218 12.80 -7.63 -27.20
N PHE A 219 12.15 -7.06 -26.18
CA PHE A 219 11.13 -6.04 -26.38
C PHE A 219 11.72 -4.73 -26.89
N LEU A 220 13.01 -4.66 -27.11
CA LEU A 220 13.61 -3.42 -27.58
C LEU A 220 13.38 -3.31 -29.08
N ASN A 221 12.81 -2.17 -29.49
CA ASN A 221 12.38 -1.99 -30.85
C ASN A 221 13.20 -0.89 -31.50
N ARG A 222 13.22 -0.98 -32.81
CA ARG A 222 13.84 0.02 -33.64
C ARG A 222 12.93 1.22 -33.83
N PHE A 223 11.77 1.29 -33.16
CA PHE A 223 10.98 2.47 -33.45
C PHE A 223 11.19 3.50 -32.35
N THR A 224 10.53 4.63 -32.53
CA THR A 224 10.35 5.61 -31.47
C THR A 224 8.90 6.10 -31.55
N THR A 225 8.53 7.03 -30.67
CA THR A 225 7.19 7.63 -30.72
C THR A 225 7.21 8.93 -29.94
N THR A 226 6.04 9.53 -29.83
CA THR A 226 5.77 10.79 -29.15
C THR A 226 4.95 10.53 -27.89
N LEU A 227 5.04 11.44 -26.92
CA LEU A 227 4.17 11.36 -25.75
C LEU A 227 2.71 11.31 -26.17
N ASN A 228 2.27 12.32 -26.94
CA ASN A 228 0.89 12.37 -27.39
C ASN A 228 0.48 11.12 -28.16
N ASP A 229 1.41 10.53 -28.90
CA ASP A 229 1.07 9.35 -29.68
C ASP A 229 1.09 8.10 -28.83
N PHE A 230 2.06 7.99 -27.92
CA PHE A 230 2.02 6.90 -26.96
C PHE A 230 0.76 6.99 -26.10
N ASN A 231 0.37 8.21 -25.74
CA ASN A 231 -0.72 8.37 -24.79
C ASN A 231 -2.05 7.94 -25.41
N LEU A 232 -2.25 8.24 -26.70
CA LEU A 232 -3.42 7.74 -27.43
C LEU A 232 -3.55 6.23 -27.34
N VAL A 233 -2.41 5.53 -27.41
CA VAL A 233 -2.39 4.08 -27.26
C VAL A 233 -2.52 3.67 -25.80
N ALA A 234 -1.94 4.44 -24.88
CA ALA A 234 -2.10 4.14 -23.46
C ALA A 234 -3.59 4.12 -23.08
N MET A 235 -4.34 5.07 -23.66
CA MET A 235 -5.76 5.25 -23.32
C MET A 235 -6.58 4.01 -23.68
N LYS A 236 -6.44 3.50 -24.90
CA LYS A 236 -7.26 2.35 -25.31
C LYS A 236 -7.09 1.18 -24.35
N TYR A 237 -5.86 0.93 -23.92
CA TYR A 237 -5.57 -0.15 -23.01
C TYR A 237 -5.66 0.29 -21.55
N ASN A 238 -6.26 1.45 -21.28
CA ASN A 238 -6.52 1.93 -19.93
C ASN A 238 -5.24 1.96 -19.10
N TYR A 239 -4.19 2.50 -19.72
CA TYR A 239 -3.00 2.91 -19.01
C TYR A 239 -3.13 4.36 -18.58
N GLU A 240 -2.50 4.69 -17.46
CA GLU A 240 -2.40 6.08 -17.04
C GLU A 240 -1.59 6.90 -18.06
N PRO A 241 -2.00 8.14 -18.37
CA PRO A 241 -1.27 8.95 -19.34
C PRO A 241 0.08 9.38 -18.79
N LEU A 242 1.06 9.47 -19.68
CA LEU A 242 2.44 9.73 -19.27
C LEU A 242 2.72 11.23 -19.25
N THR A 243 3.33 11.70 -18.16
CA THR A 243 3.70 13.10 -18.02
C THR A 243 5.19 13.29 -18.26
N GLN A 244 5.59 14.57 -18.38
CA GLN A 244 7.01 14.89 -18.43
C GLN A 244 7.68 14.61 -17.08
N ASP A 245 6.93 14.72 -15.99
CA ASP A 245 7.49 14.37 -14.70
C ASP A 245 7.82 12.87 -14.64
N HIS A 246 6.95 12.03 -15.23
CA HIS A 246 7.28 10.63 -15.40
C HIS A 246 8.54 10.46 -16.24
N VAL A 247 8.68 11.26 -17.30
CA VAL A 247 9.87 11.13 -18.13
C VAL A 247 11.10 11.59 -17.34
N ASP A 248 10.97 12.69 -16.59
CA ASP A 248 12.03 13.15 -15.69
C ASP A 248 12.53 12.01 -14.81
N ILE A 249 11.65 11.47 -13.95
CA ILE A 249 12.05 10.55 -12.89
C ILE A 249 12.55 9.22 -13.45
N LEU A 250 12.27 8.94 -14.71
CA LEU A 250 12.88 7.82 -15.40
C LEU A 250 14.27 8.19 -15.93
N GLY A 251 14.70 9.43 -15.74
CA GLY A 251 15.98 9.93 -16.16
C GLY A 251 17.16 9.01 -15.91
N PRO A 252 17.51 8.78 -14.65
CA PRO A 252 18.66 7.92 -14.36
C PRO A 252 18.61 6.56 -15.03
N LEU A 253 17.41 6.01 -15.23
CA LEU A 253 17.29 4.70 -15.88
C LEU A 253 17.60 4.79 -17.37
N SER A 254 17.02 5.80 -18.04
CA SER A 254 17.42 6.09 -19.42
C SER A 254 18.92 6.32 -19.52
N ALA A 255 19.52 6.90 -18.47
CA ALA A 255 20.96 7.14 -18.45
C ALA A 255 21.73 5.83 -18.38
N GLN A 256 21.49 5.05 -17.32
CA GLN A 256 22.11 3.74 -17.16
C GLN A 256 22.01 2.87 -18.42
N THR A 257 20.84 2.80 -19.04
CA THR A 257 20.65 1.86 -20.14
C THR A 257 21.05 2.41 -21.51
N GLY A 258 21.13 3.73 -21.66
CA GLY A 258 21.34 4.31 -22.96
C GLY A 258 20.13 4.23 -23.86
N ILE A 259 18.92 4.33 -23.30
CA ILE A 259 17.69 4.20 -24.06
C ILE A 259 16.77 5.37 -23.69
N ALA A 260 16.46 6.22 -24.66
CA ALA A 260 15.59 7.37 -24.41
C ALA A 260 14.22 6.92 -23.93
N VAL A 261 13.57 7.76 -23.11
CA VAL A 261 12.29 7.37 -22.50
C VAL A 261 11.27 7.05 -23.59
N LEU A 262 11.11 7.97 -24.55
CA LEU A 262 10.15 7.79 -25.64
C LEU A 262 10.45 6.54 -26.45
N ASP A 263 11.72 6.14 -26.57
CA ASP A 263 12.01 4.90 -27.27
C ASP A 263 11.43 3.72 -26.52
N MET A 264 11.58 3.72 -25.19
CA MET A 264 10.93 2.72 -24.36
C MET A 264 9.42 2.83 -24.45
N CYS A 265 8.89 4.05 -24.58
CA CYS A 265 7.46 4.23 -24.81
C CYS A 265 7.02 3.65 -26.14
N ALA A 266 7.93 3.52 -27.11
CA ALA A 266 7.55 2.91 -28.38
C ALA A 266 7.62 1.40 -28.31
N SER A 267 8.54 0.86 -27.50
CA SER A 267 8.54 -0.57 -27.24
C SER A 267 7.28 -0.96 -26.49
N LEU A 268 6.91 -0.15 -25.49
CA LEU A 268 5.69 -0.42 -24.75
C LEU A 268 4.48 -0.40 -25.67
N LYS A 269 4.39 0.62 -26.54
CA LYS A 269 3.28 0.69 -27.50
C LYS A 269 3.14 -0.59 -28.32
N GLU A 270 4.22 -1.03 -28.97
CA GLU A 270 4.16 -2.28 -29.71
C GLU A 270 3.76 -3.43 -28.78
N LEU A 271 4.24 -3.39 -27.55
CA LEU A 271 3.99 -4.47 -26.60
C LEU A 271 2.53 -4.48 -26.17
N LEU A 272 1.83 -3.36 -26.27
CA LEU A 272 0.40 -3.33 -26.00
C LEU A 272 -0.43 -3.78 -27.19
N GLN A 273 0.05 -3.54 -28.40
CA GLN A 273 -0.75 -3.80 -29.59
C GLN A 273 -0.59 -5.23 -30.09
N ASN A 274 0.64 -5.74 -30.09
CA ASN A 274 0.93 -7.07 -30.59
C ASN A 274 1.17 -8.06 -29.46
N GLY A 275 1.10 -7.60 -28.22
CA GLY A 275 1.26 -8.47 -27.08
C GLY A 275 2.64 -9.10 -27.01
N MET A 276 2.85 -9.86 -25.96
CA MET A 276 4.17 -10.37 -25.66
C MET A 276 4.56 -11.61 -26.44
N ASN A 277 3.68 -12.15 -27.27
CA ASN A 277 4.07 -13.29 -28.15
C ASN A 277 4.61 -14.51 -27.39
N GLY A 278 4.20 -14.75 -26.14
CA GLY A 278 4.58 -15.97 -25.40
C GLY A 278 5.93 -15.87 -24.73
N ARG A 279 6.60 -14.75 -24.93
CA ARG A 279 7.92 -14.52 -24.31
C ARG A 279 7.73 -13.94 -22.92
N THR A 280 8.80 -13.92 -22.14
CA THR A 280 8.70 -13.45 -20.74
C THR A 280 9.69 -12.34 -20.49
N ILE A 281 9.24 -11.25 -19.90
CA ILE A 281 10.18 -10.18 -19.50
C ILE A 281 10.37 -10.31 -18.00
N LEU A 282 11.58 -10.59 -17.56
CA LEU A 282 11.91 -10.70 -16.13
C LEU A 282 11.01 -11.70 -15.40
N GLY A 283 10.71 -12.81 -16.08
CA GLY A 283 10.00 -13.90 -15.43
C GLY A 283 8.50 -13.76 -15.37
N SER A 284 7.94 -12.67 -15.91
CA SER A 284 6.50 -12.44 -16.00
C SER A 284 6.06 -12.50 -17.46
N ALA A 285 4.85 -13.02 -17.70
CA ALA A 285 4.26 -12.96 -19.03
C ALA A 285 3.26 -11.82 -19.16
N LEU A 286 3.10 -11.00 -18.14
CA LEU A 286 2.34 -9.77 -18.21
C LEU A 286 3.27 -8.59 -17.91
N LEU A 287 2.76 -7.39 -18.17
CA LEU A 287 3.48 -6.15 -17.92
C LEU A 287 3.27 -5.72 -16.46
N GLU A 288 4.38 -5.61 -15.72
CA GLU A 288 4.32 -5.36 -14.29
C GLU A 288 4.36 -3.87 -13.97
N ASP A 289 3.44 -3.42 -13.11
CA ASP A 289 3.27 -1.99 -12.87
C ASP A 289 3.42 -1.60 -11.41
N GLU A 290 3.97 -2.48 -10.57
CA GLU A 290 4.10 -2.24 -9.13
C GLU A 290 5.54 -2.10 -8.66
N PHE A 291 6.45 -1.67 -9.54
CA PHE A 291 7.77 -1.17 -9.14
C PHE A 291 7.89 0.29 -9.58
N THR A 292 8.13 1.19 -8.64
CA THR A 292 8.34 2.58 -9.05
C THR A 292 9.71 2.76 -9.73
N PRO A 293 9.91 3.87 -10.45
CA PRO A 293 11.27 4.22 -10.86
C PRO A 293 12.24 4.12 -9.71
N PHE A 294 11.86 4.71 -8.57
CA PHE A 294 12.70 4.67 -7.39
C PHE A 294 12.99 3.23 -6.95
N ASP A 295 11.96 2.36 -6.96
CA ASP A 295 12.19 0.97 -6.60
C ASP A 295 13.25 0.34 -7.50
N VAL A 296 13.14 0.58 -8.81
CA VAL A 296 14.09 -0.02 -9.74
C VAL A 296 15.51 0.49 -9.50
N VAL A 297 15.68 1.80 -9.30
CA VAL A 297 17.03 2.35 -9.10
C VAL A 297 17.70 1.70 -7.90
N ARG A 298 16.94 1.55 -6.80
CA ARG A 298 17.45 1.02 -5.54
C ARG A 298 17.87 -0.45 -5.67
N GLN A 299 17.08 -1.27 -6.36
CA GLN A 299 17.37 -2.70 -6.46
C GLN A 299 18.43 -3.02 -7.51
N CYS A 300 18.53 -2.21 -8.55
CA CYS A 300 19.56 -2.42 -9.56
C CYS A 300 20.91 -1.84 -9.16
N SER A 301 20.95 -0.91 -8.21
CA SER A 301 22.21 -0.41 -7.68
C SER A 301 22.20 -0.38 -6.15
C10 YXY B 1 -21.38 -8.58 7.18
C02 YXY B 1 -19.00 -7.46 8.89
O03 YXY B 1 -18.44 -8.50 8.86
C04 YXY B 1 -20.48 -7.44 9.32
C05 YXY B 1 -20.74 -8.67 10.19
C06 YXY B 1 -21.41 -9.81 9.43
C07 YXY B 1 -21.13 -9.89 7.94
F08 YXY B 1 -21.93 -10.87 7.43
F09 YXY B 1 -19.84 -10.25 7.74
C11 YXY B 1 -21.47 -7.39 8.12
N CHG B 2 -18.32 -6.21 8.57
CA CHG B 2 -16.93 -6.18 8.17
C CHG B 2 -16.11 -7.02 9.17
O CHG B 2 -16.00 -6.70 10.30
C1 CHG B 2 -16.46 -4.74 7.89
C2 CHG B 2 -14.97 -4.52 8.12
C3 CHG B 2 -14.58 -3.15 7.56
C4 CHG B 2 -15.44 -1.98 8.07
C5 CHG B 2 -16.94 -2.31 8.09
C6 CHG B 2 -17.27 -3.70 8.65
C FP9 B 3 -13.52 -8.97 10.04
N FP9 B 3 -15.55 -8.27 8.65
O FP9 B 3 -12.59 -9.71 10.17
CA FP9 B 3 -14.73 -9.38 9.37
CB FP9 B 3 -14.51 -10.47 8.26
CD FP9 B 3 -15.68 -8.67 7.42
FD FP9 B 3 -16.73 -10.77 8.09
CG FP9 B 3 -15.51 -10.29 7.49
C 005 B 4 -10.64 -6.86 9.37
N 005 B 4 -13.48 -7.64 10.59
O 005 B 4 -10.03 -7.85 9.48
CA 005 B 4 -11.38 -6.19 10.54
CD 005 B 4 -12.90 -8.43 13.34
CG 005 B 4 -11.79 -7.90 12.44
CH 005 B 4 -14.92 -9.40 14.94
CB1 005 B 4 -12.41 -7.00 11.36
OB2 005 B 4 -12.14 -5.16 10.01
CE1 005 B 4 -14.07 -7.70 13.50
CE2 005 B 4 -12.72 -9.65 13.98
CZ1 005 B 4 -15.10 -8.19 14.30
CZ2 005 B 4 -13.75 -10.13 14.78
C21 A1L3F B 5 -9.82 -9.23 4.42
C22 A1L3F B 5 -10.78 -10.13 4.83
C24 A1L3F B 5 -11.55 -9.90 5.97
C18 A1L3F B 5 -9.97 -6.58 6.92
C19 A1L3F B 5 -10.32 -7.88 6.22
C25 A1L3F B 5 -11.30 -8.74 6.69
N17 A1L3F B 5 -10.69 -6.16 8.10
N20 A1L3F B 5 -9.60 -8.13 5.12
CL23 A1L3F B 5 -11.02 -11.59 3.87
#